data_3OEN
#
_entry.id   3OEN
#
_cell.length_a   60.073
_cell.length_b   113.696
_cell.length_c   95.332
_cell.angle_alpha   90.00
_cell.angle_beta   90.00
_cell.angle_gamma   90.00
#
_symmetry.space_group_name_H-M   'C 2 2 21'
#
loop_
_entity.id
_entity.type
_entity.pdbx_description
1 polymer 'Glutamate [NMDA] receptor subunit epsilon-4'
2 non-polymer 'GLUTAMIC ACID'
3 water water
#
_entity_poly.entity_id   1
_entity_poly.type   'polypeptide(L)'
_entity_poly.pdbx_seq_one_letter_code
;GDDTQHLTVATLEERPFVIVEPADPISGTCIRDSVPCRSQLNRTHSPPPDAPRPEKRCCKGFCIDILKRLAHTIGFSYDL
YLVTNGKHGKKIDGVWNGMIGEVFYQRADMAIGSLTINEERSEIVDFSVPFVETGISVMVARGTTVSGLSDRKFQRPQEQ
YPPLKFGTVPNGSTEKNIRSNYPDMHSYMVRYNQPRVEEALTQLKAGKLDAFIYDAAVLNYMARKDEGCKLVTIGSGKVF
ATTGYGIALHKGSRWKRPIDLALLQFLGDDEIEMLERLWLSGICHN
;
_entity_poly.pdbx_strand_id   A
#
# COMPACT_ATOMS: atom_id res chain seq x y z
N THR A 4 -1.96 10.54 24.82
CA THR A 4 -0.68 9.97 25.25
C THR A 4 -0.54 8.51 24.84
N GLN A 5 -1.64 7.88 24.44
CA GLN A 5 -1.60 6.44 24.16
C GLN A 5 -2.76 5.94 23.32
N HIS A 6 -3.57 6.84 22.76
CA HIS A 6 -4.56 6.44 21.78
C HIS A 6 -4.31 7.15 20.47
N LEU A 7 -4.14 6.37 19.41
CA LEU A 7 -3.81 6.92 18.10
C LEU A 7 -4.92 6.67 17.11
N THR A 8 -5.15 7.66 16.24
CA THR A 8 -6.08 7.50 15.14
C THR A 8 -5.26 7.14 13.90
N VAL A 9 -5.61 6.03 13.26
CA VAL A 9 -4.78 5.49 12.18
C VAL A 9 -5.58 5.43 10.89
N ALA A 10 -5.05 6.03 9.83
CA ALA A 10 -5.68 5.95 8.52
C ALA A 10 -5.10 4.78 7.73
N THR A 11 -5.94 4.11 6.97
CA THR A 11 -5.45 3.07 6.08
C THR A 11 -6.28 3.04 4.80
N LEU A 12 -6.00 2.09 3.92
CA LEU A 12 -6.60 2.05 2.60
C LEU A 12 -6.52 0.63 2.09
N GLU A 13 -7.59 0.14 1.48
CA GLU A 13 -7.55 -1.24 1.00
C GLU A 13 -6.59 -1.40 -0.17
N GLU A 14 -5.66 -2.36 -0.03
CA GLU A 14 -4.84 -2.81 -1.13
C GLU A 14 -4.32 -4.22 -0.85
N ARG A 15 -5.00 -5.21 -1.39
CA ARG A 15 -4.71 -6.58 -1.04
C ARG A 15 -3.34 -6.94 -1.60
N PRO A 16 -2.54 -7.70 -0.84
CA PRO A 16 -2.81 -8.32 0.45
C PRO A 16 -2.24 -7.52 1.62
N PHE A 17 -1.89 -6.27 1.41
CA PHE A 17 -1.35 -5.47 2.50
C PHE A 17 -2.46 -5.01 3.45
N VAL A 18 -3.58 -4.61 2.88
CA VAL A 18 -4.78 -4.30 3.67
C VAL A 18 -5.96 -4.89 2.91
N ILE A 19 -6.72 -5.73 3.61
CA ILE A 19 -7.86 -6.41 3.02
C ILE A 19 -9.08 -6.08 3.87
N VAL A 20 -10.17 -5.69 3.24
CA VAL A 20 -11.36 -5.25 3.97
C VAL A 20 -12.50 -6.23 3.71
N GLU A 21 -13.19 -6.63 4.78
CA GLU A 21 -14.26 -7.61 4.66
C GLU A 21 -15.39 -7.19 5.58
N PRO A 22 -16.62 -7.67 5.32
CA PRO A 22 -17.69 -7.34 6.27
C PRO A 22 -17.46 -8.07 7.58
N ALA A 23 -18.09 -7.61 8.65
CA ALA A 23 -18.08 -8.34 9.91
C ALA A 23 -18.77 -9.70 9.72
N ASP A 24 -18.43 -10.64 10.57
CA ASP A 24 -19.05 -11.97 10.57
C ASP A 24 -20.57 -11.83 10.71
N PRO A 25 -21.33 -12.32 9.73
CA PRO A 25 -22.77 -12.10 9.80
C PRO A 25 -23.36 -12.78 11.03
N ILE A 26 -22.75 -13.86 11.47
CA ILE A 26 -23.29 -14.59 12.63
C ILE A 26 -23.11 -13.81 13.93
N SER A 27 -21.88 -13.46 14.26
CA SER A 27 -21.57 -12.79 15.51
C SER A 27 -21.71 -11.26 15.42
N GLY A 28 -21.60 -10.71 14.22
CA GLY A 28 -21.59 -9.28 14.04
C GLY A 28 -20.29 -8.66 14.50
N THR A 29 -19.25 -9.48 14.62
CA THR A 29 -17.95 -8.99 15.05
C THR A 29 -16.88 -9.34 14.02
N CYS A 30 -15.69 -8.79 14.22
CA CYS A 30 -14.53 -9.12 13.39
C CYS A 30 -13.84 -10.32 13.99
N ILE A 31 -13.99 -11.48 13.35
CA ILE A 31 -13.37 -12.68 13.86
C ILE A 31 -12.02 -12.98 13.21
N ARG A 32 -11.38 -14.05 13.71
CA ARG A 32 -10.04 -14.43 13.27
C ARG A 32 -9.03 -13.31 13.52
N ASP A 33 -8.18 -13.07 12.53
CA ASP A 33 -7.09 -12.13 12.70
C ASP A 33 -7.45 -10.70 12.26
N SER A 34 -8.75 -10.42 12.14
CA SER A 34 -9.19 -9.11 11.63
C SER A 34 -9.45 -8.12 12.75
N VAL A 35 -9.39 -6.83 12.42
CA VAL A 35 -9.68 -5.79 13.40
C VAL A 35 -10.72 -4.83 12.83
N PRO A 36 -11.54 -4.25 13.71
CA PRO A 36 -12.55 -3.30 13.24
C PRO A 36 -11.94 -2.09 12.56
N CYS A 37 -12.55 -1.66 11.47
CA CYS A 37 -12.13 -0.45 10.79
C CYS A 37 -13.35 0.21 10.19
N ARG A 38 -13.52 1.50 10.45
CA ARG A 38 -14.67 2.21 9.93
C ARG A 38 -14.28 3.00 8.68
N SER A 39 -15.27 3.59 8.01
CA SER A 39 -15.00 4.41 6.84
C SER A 39 -14.78 5.87 7.22
N GLN A 40 -13.94 6.58 6.48
CA GLN A 40 -13.79 8.00 6.70
C GLN A 40 -15.15 8.67 6.53
N LEU A 41 -15.94 8.18 5.58
CA LEU A 41 -17.25 8.77 5.26
C LEU A 41 -18.24 8.66 6.43
N PRO A 54 -16.05 -0.27 16.72
CA PRO A 54 -15.83 -1.72 16.64
C PRO A 54 -16.80 -2.42 15.69
N GLU A 55 -16.28 -3.32 14.86
CA GLU A 55 -17.06 -4.12 13.90
C GLU A 55 -17.60 -3.30 12.71
N LYS A 56 -18.55 -3.87 11.96
CA LYS A 56 -19.09 -3.28 10.71
C LYS A 56 -18.25 -3.63 9.47
N ARG A 57 -17.12 -2.95 9.29
CA ARG A 57 -16.10 -3.42 8.37
C ARG A 57 -14.91 -3.93 9.19
N CYS A 58 -14.21 -4.92 8.66
CA CYS A 58 -13.08 -5.51 9.36
C CYS A 58 -11.88 -5.52 8.43
N CYS A 59 -10.70 -5.31 9.00
CA CYS A 59 -9.48 -5.19 8.20
C CYS A 59 -8.45 -6.22 8.65
N LYS A 60 -7.73 -6.78 7.69
CA LYS A 60 -6.68 -7.75 7.96
C LYS A 60 -5.61 -7.59 6.90
N GLY A 61 -4.50 -8.32 7.05
CA GLY A 61 -3.47 -8.27 6.02
C GLY A 61 -2.11 -8.00 6.61
N PHE A 62 -1.11 -7.96 5.74
CA PHE A 62 0.28 -7.77 6.17
C PHE A 62 0.43 -6.50 7.02
N CYS A 63 -0.06 -5.38 6.51
CA CYS A 63 0.11 -4.12 7.23
C CYS A 63 -0.71 -4.07 8.51
N ILE A 64 -1.85 -4.74 8.52
CA ILE A 64 -2.65 -4.79 9.74
C ILE A 64 -1.92 -5.62 10.79
N ASP A 65 -1.27 -6.71 10.38
CA ASP A 65 -0.49 -7.51 11.35
C ASP A 65 0.68 -6.70 11.91
N ILE A 66 1.28 -5.87 11.08
CA ILE A 66 2.32 -4.95 11.57
C ILE A 66 1.74 -4.00 12.61
N LEU A 67 0.59 -3.42 12.30
CA LEU A 67 -0.06 -2.47 13.19
C LEU A 67 -0.37 -3.12 14.54
N LYS A 68 -0.92 -4.33 14.51
CA LYS A 68 -1.25 -5.04 15.76
C LYS A 68 0.00 -5.22 16.62
N ARG A 69 1.10 -5.58 15.98
CA ARG A 69 2.35 -5.81 16.70
C ARG A 69 2.92 -4.51 17.26
N LEU A 70 2.78 -3.42 16.49
CA LEU A 70 3.22 -2.12 16.97
C LEU A 70 2.42 -1.71 18.20
N ALA A 71 1.11 -1.91 18.14
CA ALA A 71 0.25 -1.50 19.23
C ALA A 71 0.61 -2.25 20.51
N HIS A 72 0.86 -3.56 20.37
CA HIS A 72 1.18 -4.40 21.51
C HIS A 72 2.57 -4.10 22.07
N THR A 73 3.54 -3.93 21.19
CA THR A 73 4.93 -3.72 21.61
C THR A 73 5.15 -2.34 22.24
N ILE A 74 4.61 -1.30 21.61
CA ILE A 74 4.81 0.06 22.08
C ILE A 74 3.80 0.40 23.18
N GLY A 75 2.62 -0.21 23.09
CA GLY A 75 1.59 -0.05 24.10
C GLY A 75 0.64 1.11 23.84
N PHE A 76 0.01 1.12 22.67
CA PHE A 76 -1.02 2.11 22.39
C PHE A 76 -2.30 1.44 21.94
N SER A 77 -3.42 2.14 22.14
CA SER A 77 -4.68 1.72 21.57
C SER A 77 -4.87 2.54 20.30
N TYR A 78 -5.74 2.08 19.43
CA TYR A 78 -5.96 2.80 18.19
C TYR A 78 -7.36 2.69 17.65
N ASP A 79 -7.68 3.67 16.81
CA ASP A 79 -8.91 3.76 16.07
C ASP A 79 -8.49 3.71 14.59
N LEU A 80 -8.92 2.68 13.87
CA LEU A 80 -8.51 2.50 12.47
C LEU A 80 -9.64 2.88 11.52
N TYR A 81 -9.34 3.69 10.51
CA TYR A 81 -10.35 4.03 9.52
C TYR A 81 -9.82 3.98 8.11
N LEU A 82 -10.71 3.70 7.16
CA LEU A 82 -10.35 3.65 5.75
C LEU A 82 -10.57 4.98 5.10
N VAL A 83 -9.55 5.44 4.38
CA VAL A 83 -9.60 6.71 3.66
C VAL A 83 -10.57 6.67 2.48
N THR A 84 -11.42 7.69 2.39
CA THR A 84 -12.36 7.83 1.27
C THR A 84 -12.01 9.03 0.40
N ASN A 85 -11.19 9.92 0.95
CA ASN A 85 -10.76 11.11 0.22
C ASN A 85 -9.52 10.80 -0.61
N GLY A 86 -9.71 10.20 -1.77
CA GLY A 86 -8.59 9.78 -2.59
C GLY A 86 -8.03 8.47 -2.08
N LYS A 87 -6.77 8.18 -2.41
CA LYS A 87 -6.20 6.87 -2.10
C LYS A 87 -4.91 7.05 -1.31
N HIS A 88 -3.76 6.78 -1.92
CA HIS A 88 -2.52 6.83 -1.17
C HIS A 88 -2.07 8.24 -0.85
N GLY A 89 -2.07 9.10 -1.86
CA GLY A 89 -1.72 10.50 -1.65
C GLY A 89 -1.31 11.18 -2.94
N LYS A 90 -2.02 12.25 -3.27
CA LYS A 90 -1.64 13.06 -4.41
C LYS A 90 -1.82 14.51 -4.04
N LYS A 91 -0.93 15.35 -4.55
CA LYS A 91 -1.02 16.79 -4.34
C LYS A 91 -1.57 17.41 -5.60
N ILE A 92 -2.67 18.13 -5.47
CA ILE A 92 -3.29 18.80 -6.62
C ILE A 92 -3.58 20.24 -6.27
N ASP A 93 -3.00 21.16 -7.05
CA ASP A 93 -3.27 22.57 -6.86
C ASP A 93 -3.05 22.96 -5.41
N GLY A 94 -1.99 22.40 -4.82
CA GLY A 94 -1.55 22.78 -3.48
C GLY A 94 -2.21 22.04 -2.32
N VAL A 95 -3.04 21.04 -2.62
CA VAL A 95 -3.79 20.34 -1.58
C VAL A 95 -3.53 18.84 -1.68
N TRP A 96 -3.23 18.22 -0.54
CA TRP A 96 -3.00 16.77 -0.49
C TRP A 96 -4.28 15.99 -0.21
N ASN A 97 -4.46 14.86 -0.90
CA ASN A 97 -5.53 13.94 -0.53
C ASN A 97 -4.95 12.59 -0.07
N GLY A 98 -5.82 11.62 0.13
CA GLY A 98 -5.40 10.25 0.41
C GLY A 98 -4.82 10.10 1.81
N MET A 99 -4.11 9.00 2.04
CA MET A 99 -3.51 8.76 3.36
C MET A 99 -2.56 9.88 3.74
N ILE A 100 -1.77 10.35 2.77
CA ILE A 100 -0.81 11.40 3.03
C ILE A 100 -1.53 12.64 3.55
N GLY A 101 -2.58 13.04 2.85
CA GLY A 101 -3.42 14.14 3.30
C GLY A 101 -3.97 13.98 4.72
N GLU A 102 -4.43 12.78 5.08
CA GLU A 102 -4.97 12.56 6.43
C GLU A 102 -3.92 12.88 7.51
N VAL A 103 -2.68 12.48 7.25
CA VAL A 103 -1.60 12.73 8.19
C VAL A 103 -1.16 14.20 8.17
N PHE A 104 -0.93 14.72 6.97
CA PHE A 104 -0.46 16.10 6.79
C PHE A 104 -1.40 17.13 7.41
N TYR A 105 -2.71 16.93 7.23
CA TYR A 105 -3.68 17.85 7.82
C TYR A 105 -4.06 17.44 9.25
N GLN A 106 -3.33 16.45 9.77
CA GLN A 106 -3.46 16.02 11.18
C GLN A 106 -4.82 15.47 11.57
N ARG A 107 -5.49 14.83 10.62
CA ARG A 107 -6.74 14.15 10.90
C ARG A 107 -6.45 12.77 11.47
N ALA A 108 -5.27 12.25 11.14
CA ALA A 108 -4.79 10.97 11.67
C ALA A 108 -3.40 11.15 12.25
N ASP A 109 -3.10 10.40 13.31
CA ASP A 109 -1.76 10.37 13.88
C ASP A 109 -0.77 9.65 13.00
N MET A 110 -1.24 8.66 12.25
CA MET A 110 -0.38 7.90 11.37
C MET A 110 -1.20 7.26 10.25
N ALA A 111 -0.54 6.92 9.16
CA ALA A 111 -1.18 6.13 8.11
C ALA A 111 -0.31 4.92 7.84
N ILE A 112 -0.95 3.76 7.70
CA ILE A 112 -0.24 2.55 7.39
C ILE A 112 -0.96 1.78 6.30
N GLY A 113 -0.17 1.22 5.39
CA GLY A 113 -0.71 0.44 4.30
C GLY A 113 0.43 0.35 3.32
N SER A 114 0.07 0.11 2.07
CA SER A 114 1.03 0.03 0.96
C SER A 114 1.37 1.45 0.53
N LEU A 115 1.95 2.19 1.45
CA LEU A 115 2.21 3.61 1.22
C LEU A 115 3.69 3.82 0.88
N THR A 116 3.96 4.22 -0.36
CA THR A 116 5.33 4.35 -0.83
C THR A 116 6.05 5.63 -0.41
N ILE A 117 7.28 5.47 0.05
CA ILE A 117 8.12 6.61 0.40
C ILE A 117 8.63 7.26 -0.88
N ASN A 118 8.35 8.54 -1.04
CA ASN A 118 9.03 9.31 -2.08
C ASN A 118 9.44 10.70 -1.60
N GLU A 119 10.14 11.44 -2.45
CA GLU A 119 10.73 12.71 -2.05
C GLU A 119 9.68 13.73 -1.68
N GLU A 120 8.64 13.81 -2.50
CA GLU A 120 7.60 14.81 -2.37
C GLU A 120 6.85 14.64 -1.05
N ARG A 121 6.52 13.40 -0.73
CA ARG A 121 5.82 13.10 0.50
C ARG A 121 6.72 13.32 1.71
N SER A 122 7.98 12.90 1.58
CA SER A 122 8.94 13.01 2.68
C SER A 122 9.18 14.46 3.10
N GLU A 123 8.93 15.39 2.20
CA GLU A 123 9.07 16.81 2.53
C GLU A 123 8.04 17.25 3.55
N ILE A 124 6.86 16.63 3.55
CA ILE A 124 5.77 17.16 4.37
C ILE A 124 5.26 16.25 5.48
N VAL A 125 5.60 14.97 5.42
CA VAL A 125 5.35 14.08 6.55
C VAL A 125 6.62 13.31 6.91
N ASP A 126 6.68 12.80 8.13
CA ASP A 126 7.79 11.94 8.51
C ASP A 126 7.40 10.51 8.16
N PHE A 127 8.35 9.72 7.67
CA PHE A 127 8.07 8.30 7.46
C PHE A 127 8.85 7.48 8.47
N SER A 128 8.27 6.35 8.89
CA SER A 128 9.05 5.33 9.57
C SER A 128 10.15 4.82 8.64
N VAL A 129 11.07 4.04 9.21
CA VAL A 129 11.98 3.26 8.39
C VAL A 129 11.12 2.34 7.52
N PRO A 130 11.58 2.02 6.31
CA PRO A 130 10.79 1.19 5.40
C PRO A 130 10.72 -0.23 5.92
N PHE A 131 9.57 -0.89 5.76
CA PHE A 131 9.40 -2.23 6.27
C PHE A 131 9.03 -3.23 5.17
N VAL A 132 8.82 -2.73 3.95
CA VAL A 132 8.64 -3.58 2.76
C VAL A 132 9.45 -2.96 1.64
N GLU A 133 10.25 -3.76 0.93
CA GLU A 133 10.97 -3.23 -0.21
C GLU A 133 10.03 -3.15 -1.40
N THR A 134 10.06 -2.03 -2.11
CA THR A 134 9.24 -1.90 -3.31
C THR A 134 9.90 -1.01 -4.34
N GLY A 135 9.11 -0.56 -5.31
CA GLY A 135 9.61 0.19 -6.44
C GLY A 135 8.59 0.07 -7.55
N ILE A 136 9.06 0.06 -8.80
CA ILE A 136 8.15 -0.05 -9.92
C ILE A 136 8.52 -1.28 -10.74
N SER A 137 7.53 -2.09 -11.10
CA SER A 137 7.77 -3.21 -11.99
C SER A 137 6.80 -3.13 -13.17
N VAL A 138 7.01 -3.99 -14.15
CA VAL A 138 6.17 -4.00 -15.32
C VAL A 138 5.62 -5.39 -15.51
N MET A 139 4.29 -5.49 -15.58
CA MET A 139 3.65 -6.78 -15.73
C MET A 139 3.16 -6.99 -17.16
N VAL A 140 3.45 -8.16 -17.71
CA VAL A 140 2.98 -8.50 -19.04
C VAL A 140 2.42 -9.92 -19.04
N ALA A 141 1.69 -10.25 -20.09
CA ALA A 141 1.23 -11.63 -20.28
C ALA A 141 2.41 -12.47 -20.74
N ARG A 142 2.55 -13.66 -20.16
CA ARG A 142 3.67 -14.54 -20.50
C ARG A 142 3.63 -14.97 -21.96
N PRO A 163 0.35 0.64 -31.88
CA PRO A 163 1.34 1.05 -30.85
C PRO A 163 1.13 0.29 -29.53
N LEU A 164 2.10 0.38 -28.63
CA LEU A 164 2.03 -0.38 -27.38
C LEU A 164 1.12 0.31 -26.37
N LYS A 165 0.27 -0.49 -25.74
CA LYS A 165 -0.69 0.02 -24.78
C LYS A 165 -0.22 -0.32 -23.39
N PHE A 166 0.24 0.68 -22.66
CA PHE A 166 0.66 0.41 -21.29
C PHE A 166 0.14 1.49 -20.38
N GLY A 167 -0.26 1.05 -19.19
CA GLY A 167 -0.93 1.96 -18.30
C GLY A 167 -0.59 1.65 -16.86
N THR A 168 -0.99 2.57 -16.00
CA THR A 168 -0.83 2.39 -14.57
C THR A 168 -2.16 2.79 -13.92
N VAL A 169 -2.25 2.67 -12.60
CA VAL A 169 -3.35 3.28 -11.88
C VAL A 169 -2.84 4.65 -11.45
N PRO A 170 -3.48 5.72 -11.93
CA PRO A 170 -2.88 7.05 -11.74
C PRO A 170 -3.01 7.55 -10.31
N ASN A 171 -2.31 8.64 -10.03
CA ASN A 171 -2.42 9.41 -8.78
C ASN A 171 -1.51 8.97 -7.65
N GLY A 172 -0.77 7.87 -7.85
CA GLY A 172 0.15 7.40 -6.82
C GLY A 172 1.61 7.61 -7.16
N SER A 173 2.48 6.94 -6.41
CA SER A 173 3.93 7.14 -6.54
C SER A 173 4.42 6.72 -7.91
N THR A 174 3.82 5.69 -8.49
CA THR A 174 4.27 5.22 -9.80
C THR A 174 4.06 6.29 -10.86
N GLU A 175 2.84 6.81 -10.98
CA GLU A 175 2.58 7.87 -11.95
C GLU A 175 3.45 9.10 -11.70
N LYS A 176 3.62 9.44 -10.43
CA LYS A 176 4.45 10.59 -10.07
C LYS A 176 5.87 10.40 -10.60
N ASN A 177 6.43 9.22 -10.40
CA ASN A 177 7.78 8.92 -10.84
C ASN A 177 7.89 9.01 -12.36
N ILE A 178 6.94 8.39 -13.06
CA ILE A 178 6.99 8.36 -14.52
C ILE A 178 6.84 9.78 -15.08
N ARG A 179 5.91 10.54 -14.54
CA ARG A 179 5.69 11.90 -15.02
C ARG A 179 6.95 12.74 -14.81
N SER A 180 7.65 12.50 -13.69
CA SER A 180 8.83 13.29 -13.34
C SER A 180 10.07 12.91 -14.13
N ASN A 181 10.27 11.63 -14.39
CA ASN A 181 11.51 11.16 -15.01
C ASN A 181 11.38 10.84 -16.51
N TYR A 182 10.16 10.49 -16.93
CA TYR A 182 9.90 10.11 -18.31
C TYR A 182 8.61 10.75 -18.82
N PRO A 183 8.58 12.09 -18.87
CA PRO A 183 7.37 12.84 -19.24
C PRO A 183 6.81 12.48 -20.61
N ASP A 184 7.67 12.10 -21.55
CA ASP A 184 7.17 11.73 -22.88
C ASP A 184 6.36 10.44 -22.76
N MET A 185 6.95 9.44 -22.13
CA MET A 185 6.28 8.17 -21.93
C MET A 185 5.02 8.39 -21.11
N HIS A 186 5.11 9.23 -20.08
CA HIS A 186 3.93 9.47 -19.25
C HIS A 186 2.76 9.97 -20.11
N SER A 187 3.05 10.87 -21.04
CA SER A 187 1.97 11.46 -21.81
C SER A 187 1.24 10.42 -22.66
N TYR A 188 1.98 9.42 -23.09
CA TYR A 188 1.43 8.33 -23.87
C TYR A 188 0.58 7.37 -23.01
N MET A 189 0.83 7.38 -21.71
CA MET A 189 0.20 6.41 -20.82
C MET A 189 -1.18 6.85 -20.34
N VAL A 190 -1.40 8.16 -20.35
CA VAL A 190 -2.61 8.76 -19.79
C VAL A 190 -3.94 8.11 -20.28
N ARG A 191 -4.05 7.83 -21.58
CA ARG A 191 -5.28 7.24 -22.08
C ARG A 191 -5.49 5.79 -21.66
N TYR A 192 -4.47 5.17 -21.07
CA TYR A 192 -4.54 3.79 -20.59
C TYR A 192 -4.61 3.71 -19.07
N ASN A 193 -4.90 4.83 -18.42
CA ASN A 193 -5.04 4.83 -16.95
C ASN A 193 -6.09 3.78 -16.54
N GLN A 194 -5.84 3.08 -15.43
CA GLN A 194 -6.78 2.06 -14.96
C GLN A 194 -7.32 2.48 -13.59
N PRO A 195 -8.55 2.07 -13.26
CA PRO A 195 -9.15 2.58 -12.01
C PRO A 195 -8.64 1.86 -10.76
N ARG A 196 -8.30 0.59 -10.93
CA ARG A 196 -7.68 -0.16 -9.84
C ARG A 196 -6.96 -1.39 -10.38
N VAL A 197 -6.21 -2.06 -9.52
CA VAL A 197 -5.39 -3.18 -9.98
C VAL A 197 -6.22 -4.29 -10.60
N GLU A 198 -7.38 -4.58 -10.02
CA GLU A 198 -8.16 -5.69 -10.56
C GLU A 198 -8.56 -5.45 -12.02
N GLU A 199 -8.99 -4.22 -12.35
CA GLU A 199 -9.35 -3.92 -13.73
C GLU A 199 -8.14 -3.94 -14.63
N ALA A 200 -7.01 -3.41 -14.14
CA ALA A 200 -5.79 -3.46 -14.93
C ALA A 200 -5.43 -4.90 -15.31
N LEU A 201 -5.51 -5.81 -14.34
CA LEU A 201 -5.17 -7.22 -14.60
C LEU A 201 -6.12 -7.83 -15.65
N THR A 202 -7.40 -7.53 -15.52
CA THR A 202 -8.39 -7.97 -16.47
C THR A 202 -8.08 -7.47 -17.87
N GLN A 203 -7.67 -6.20 -17.98
CA GLN A 203 -7.35 -5.62 -19.28
C GLN A 203 -6.09 -6.21 -19.91
N LEU A 204 -5.10 -6.49 -19.06
CA LEU A 204 -3.87 -7.09 -19.51
C LEU A 204 -4.15 -8.51 -20.02
N LYS A 205 -4.95 -9.26 -19.27
CA LYS A 205 -5.27 -10.64 -19.65
C LYS A 205 -6.03 -10.68 -20.97
N ALA A 206 -6.91 -9.69 -21.18
CA ALA A 206 -7.72 -9.61 -22.38
C ALA A 206 -6.98 -9.00 -23.56
N GLY A 207 -5.79 -8.46 -23.32
CA GLY A 207 -5.01 -7.84 -24.38
C GLY A 207 -5.37 -6.39 -24.66
N LYS A 208 -6.21 -5.79 -23.81
CA LYS A 208 -6.52 -4.38 -23.97
C LYS A 208 -5.37 -3.52 -23.51
N LEU A 209 -4.52 -4.10 -22.66
CA LEU A 209 -3.22 -3.52 -22.32
C LEU A 209 -2.15 -4.51 -22.75
N ASP A 210 -0.98 -3.98 -23.11
CA ASP A 210 0.16 -4.85 -23.37
C ASP A 210 1.05 -4.94 -22.13
N ALA A 211 1.03 -3.92 -21.29
CA ALA A 211 1.80 -3.96 -20.06
C ALA A 211 1.13 -3.10 -18.99
N PHE A 212 1.26 -3.52 -17.74
CA PHE A 212 0.74 -2.77 -16.61
C PHE A 212 1.93 -2.40 -15.73
N ILE A 213 2.12 -1.11 -15.48
CA ILE A 213 3.27 -0.65 -14.72
C ILE A 213 2.76 -0.15 -13.37
N TYR A 214 3.34 -0.68 -12.29
CA TYR A 214 2.76 -0.47 -10.96
C TYR A 214 3.75 -0.82 -9.86
N ASP A 215 3.35 -0.52 -8.63
CA ASP A 215 4.11 -0.85 -7.43
C ASP A 215 4.63 -2.28 -7.50
N ALA A 216 5.92 -2.45 -7.27
CA ALA A 216 6.58 -3.74 -7.43
C ALA A 216 6.08 -4.80 -6.43
N ALA A 217 5.92 -4.41 -5.17
CA ALA A 217 5.50 -5.37 -4.14
C ALA A 217 4.14 -5.95 -4.46
N VAL A 218 3.21 -5.10 -4.88
CA VAL A 218 1.89 -5.57 -5.27
C VAL A 218 1.94 -6.38 -6.54
N LEU A 219 2.61 -5.87 -7.58
CA LEU A 219 2.66 -6.59 -8.85
C LEU A 219 3.28 -7.96 -8.74
N ASN A 220 4.38 -8.06 -8.00
CA ASN A 220 5.03 -9.35 -7.86
C ASN A 220 4.17 -10.34 -7.08
N TYR A 221 3.43 -9.85 -6.10
CA TYR A 221 2.46 -10.70 -5.42
C TYR A 221 1.41 -11.21 -6.40
N MET A 222 0.88 -10.31 -7.22
CA MET A 222 -0.15 -10.67 -8.18
C MET A 222 0.34 -11.71 -9.19
N ALA A 223 1.59 -11.56 -9.62
CA ALA A 223 2.21 -12.55 -10.50
C ALA A 223 2.30 -13.92 -9.83
N ARG A 224 2.65 -13.95 -8.55
CA ARG A 224 2.80 -15.23 -7.85
C ARG A 224 1.46 -15.92 -7.63
N LYS A 225 0.37 -15.15 -7.68
CA LYS A 225 -0.95 -15.68 -7.36
C LYS A 225 -1.85 -15.87 -8.60
N ASP A 226 -1.33 -15.56 -9.77
CA ASP A 226 -2.16 -15.56 -10.96
C ASP A 226 -2.61 -16.96 -11.39
N GLU A 227 -3.91 -17.15 -11.54
CA GLU A 227 -4.46 -18.41 -12.06
C GLU A 227 -3.80 -18.83 -13.36
N GLY A 228 -3.23 -20.03 -13.38
CA GLY A 228 -2.58 -20.53 -14.57
C GLY A 228 -1.22 -19.91 -14.80
N CYS A 229 -0.84 -18.98 -13.92
CA CYS A 229 0.47 -18.35 -13.98
C CYS A 229 0.74 -17.73 -15.35
N LYS A 230 -0.21 -16.91 -15.81
CA LYS A 230 -0.14 -16.35 -17.16
C LYS A 230 0.41 -14.93 -17.16
N LEU A 231 0.64 -14.38 -15.97
CA LEU A 231 1.14 -13.01 -15.83
C LEU A 231 2.53 -13.00 -15.20
N VAL A 232 3.46 -12.25 -15.78
CA VAL A 232 4.79 -12.14 -15.18
C VAL A 232 5.25 -10.69 -15.11
N THR A 233 6.22 -10.43 -14.22
CA THR A 233 6.85 -9.12 -14.19
C THR A 233 8.21 -9.22 -14.87
N ILE A 234 8.59 -8.17 -15.59
CA ILE A 234 9.78 -8.18 -16.43
C ILE A 234 11.08 -8.26 -15.64
N GLY A 235 12.01 -9.08 -16.12
CA GLY A 235 13.28 -9.30 -15.44
C GLY A 235 13.11 -10.22 -14.26
N SER A 236 12.14 -11.13 -14.35
CA SER A 236 11.85 -12.05 -13.26
C SER A 236 11.61 -11.29 -11.97
N GLY A 237 10.92 -10.16 -12.09
CA GLY A 237 10.58 -9.34 -10.94
C GLY A 237 11.53 -8.20 -10.71
N LYS A 238 12.14 -7.68 -11.77
CA LYS A 238 13.06 -6.56 -11.63
C LYS A 238 12.31 -5.36 -11.04
N VAL A 239 12.89 -4.77 -10.02
CA VAL A 239 12.32 -3.59 -9.39
C VAL A 239 13.09 -2.35 -9.84
N PHE A 240 12.39 -1.43 -10.49
CA PHE A 240 12.95 -0.14 -10.88
C PHE A 240 12.64 0.86 -9.78
N ALA A 241 13.39 1.96 -9.74
CA ALA A 241 13.14 3.05 -8.79
C ALA A 241 12.93 2.56 -7.36
N THR A 242 13.97 1.96 -6.77
CA THR A 242 13.80 1.26 -5.50
C THR A 242 13.49 2.18 -4.33
N THR A 243 12.50 1.79 -3.56
CA THR A 243 12.10 2.54 -2.37
C THR A 243 11.41 1.52 -1.45
N GLY A 244 10.59 1.99 -0.52
CA GLY A 244 9.96 1.06 0.42
C GLY A 244 8.61 1.60 0.84
N TYR A 245 7.81 0.77 1.49
CA TYR A 245 6.62 1.27 2.18
C TYR A 245 7.04 1.79 3.55
N GLY A 246 6.45 2.90 3.97
CA GLY A 246 6.72 3.40 5.29
C GLY A 246 5.44 3.88 5.93
N ILE A 247 5.44 3.94 7.26
CA ILE A 247 4.30 4.49 7.98
C ILE A 247 4.44 6.00 7.97
N ALA A 248 3.40 6.72 7.56
CA ALA A 248 3.44 8.19 7.57
C ALA A 248 3.00 8.72 8.92
N LEU A 249 3.74 9.70 9.42
CA LEU A 249 3.47 10.33 10.70
C LEU A 249 3.58 11.83 10.54
N HIS A 250 3.04 12.61 11.49
CA HIS A 250 3.19 14.06 11.43
C HIS A 250 4.67 14.42 11.32
N LYS A 251 4.98 15.48 10.57
CA LYS A 251 6.36 15.96 10.55
C LYS A 251 6.75 16.29 12.00
N GLY A 252 7.85 15.69 12.46
CA GLY A 252 8.30 15.87 13.83
C GLY A 252 7.63 15.01 14.87
N SER A 253 6.84 14.03 14.43
CA SER A 253 6.09 13.18 15.34
C SER A 253 6.97 12.53 16.40
N ARG A 254 6.47 12.51 17.64
CA ARG A 254 7.19 11.88 18.73
C ARG A 254 7.05 10.37 18.58
N TRP A 255 6.20 9.92 17.67
CA TRP A 255 5.96 8.49 17.45
C TRP A 255 6.97 7.81 16.51
N LYS A 256 7.72 8.59 15.74
CA LYS A 256 8.62 7.99 14.76
C LYS A 256 9.67 7.08 15.42
N ARG A 257 10.34 7.58 16.45
CA ARG A 257 11.37 6.79 17.10
C ARG A 257 10.89 5.44 17.66
N PRO A 258 9.81 5.44 18.46
CA PRO A 258 9.34 4.16 19.02
C PRO A 258 8.90 3.21 17.92
N ILE A 259 8.26 3.76 16.89
CA ILE A 259 7.80 2.92 15.78
C ILE A 259 8.99 2.32 15.03
N ASP A 260 10.00 3.15 14.77
CA ASP A 260 11.21 2.69 14.11
C ASP A 260 11.89 1.58 14.89
N LEU A 261 12.10 1.79 16.18
CA LEU A 261 12.77 0.78 17.00
C LEU A 261 12.02 -0.54 16.95
N ALA A 262 10.70 -0.48 17.10
CA ALA A 262 9.87 -1.67 17.03
C ALA A 262 10.00 -2.39 15.69
N LEU A 263 9.87 -1.64 14.59
CA LEU A 263 10.00 -2.26 13.26
C LEU A 263 11.36 -2.92 13.08
N LEU A 264 12.41 -2.25 13.55
CA LEU A 264 13.76 -2.75 13.38
C LEU A 264 13.92 -4.02 14.22
N GLN A 265 13.29 -4.03 15.38
CA GLN A 265 13.25 -5.19 16.24
C GLN A 265 12.52 -6.34 15.56
N PHE A 266 11.38 -6.03 14.92
CA PHE A 266 10.62 -7.06 14.19
C PHE A 266 11.44 -7.66 13.09
N LEU A 267 12.12 -6.81 12.32
CA LEU A 267 12.98 -7.29 11.26
C LEU A 267 13.99 -8.31 11.80
N GLY A 268 14.66 -7.96 12.90
CA GLY A 268 15.71 -8.80 13.46
C GLY A 268 15.25 -10.08 14.15
N ASP A 269 13.99 -10.11 14.58
CA ASP A 269 13.42 -11.28 15.23
C ASP A 269 12.79 -12.20 14.19
N ASP A 270 13.00 -11.87 12.92
CA ASP A 270 12.41 -12.60 11.79
C ASP A 270 10.88 -12.53 11.76
N GLU A 271 10.32 -11.54 12.45
CA GLU A 271 8.87 -11.39 12.52
C GLU A 271 8.31 -10.86 11.21
N ILE A 272 9.02 -9.91 10.59
CA ILE A 272 8.57 -9.43 9.29
C ILE A 272 8.73 -10.54 8.23
N GLU A 273 9.80 -11.32 8.32
CA GLU A 273 9.96 -12.42 7.38
C GLU A 273 8.81 -13.43 7.50
N MET A 274 8.40 -13.72 8.73
CA MET A 274 7.27 -14.60 8.94
C MET A 274 6.03 -14.01 8.28
N LEU A 275 5.80 -12.73 8.49
CA LEU A 275 4.63 -12.08 7.90
C LEU A 275 4.67 -12.08 6.38
N GLU A 276 5.86 -11.98 5.81
CA GLU A 276 6.00 -12.07 4.37
C GLU A 276 5.55 -13.45 3.90
N ARG A 277 5.98 -14.49 4.60
CA ARG A 277 5.62 -15.85 4.22
C ARG A 277 4.12 -16.06 4.37
N LEU A 278 3.57 -15.57 5.47
CA LEU A 278 2.14 -15.69 5.75
C LEU A 278 1.26 -15.04 4.69
N TRP A 279 1.61 -13.81 4.30
CA TRP A 279 0.72 -12.96 3.51
C TRP A 279 1.07 -12.84 2.03
N LEU A 280 2.34 -12.98 1.70
CA LEU A 280 2.79 -12.60 0.35
C LEU A 280 3.23 -13.78 -0.50
N SER A 281 3.11 -14.99 0.04
CA SER A 281 3.58 -16.16 -0.70
C SER A 281 2.59 -16.55 -1.81
N GLY A 282 3.10 -17.20 -2.84
CA GLY A 282 2.24 -17.66 -3.92
C GLY A 282 2.79 -18.94 -4.52
N ILE A 283 2.18 -19.44 -5.58
CA ILE A 283 2.65 -20.68 -6.18
C ILE A 283 3.41 -20.49 -7.50
N CYS A 284 3.11 -19.41 -8.21
CA CYS A 284 3.79 -19.15 -9.49
C CYS A 284 5.20 -18.64 -9.29
N HIS A 285 6.17 -19.20 -10.00
CA HIS A 285 7.54 -18.72 -9.89
C HIS A 285 8.39 -19.08 -11.11
N GLU B . 2.05 2.50 -3.26
CA GLU B . 1.69 3.58 -4.17
C GLU B . 1.60 4.92 -3.44
O GLU B . 1.31 5.92 -4.07
CB GLU B . 0.36 3.29 -4.89
CG GLU B . 0.48 2.39 -6.11
CD GLU B . 1.43 2.96 -7.16
OE1 GLU B . 2.35 2.24 -7.60
OE2 GLU B . 1.25 4.14 -7.56
OXT GLU B . 1.77 5.00 -2.22
#